data_7QHR
#
_entry.id   7QHR
#
_cell.length_a   100.500
_cell.length_b   32.530
_cell.length_c   72.200
_cell.angle_alpha   90.000
_cell.angle_beta   90.295
_cell.angle_gamma   90.000
#
_symmetry.space_group_name_H-M   'C 1 2 1'
#
loop_
_entity.id
_entity.type
_entity.pdbx_description
1 polymer 'Ribonuclease pancreatic'
2 non-polymer "tri-(mi2-acetato-(O, O')-diaqua-dirhodium(II, II)"
3 non-polymer 'octaaqua-dirhodium (II, II) fragment'
4 non-polymer "cis-mi2-acetato-(O, O')-N-imidazyl-pentaaqua-dirhodium(II, II)"
5 non-polymer "trans-mi2-acetato-(O, O')-N-imidazyl-pentaaqua-dirhodium(II, II)"
6 water water
#
_entity_poly.entity_id   1
_entity_poly.type   'polypeptide(L)'
_entity_poly.pdbx_seq_one_letter_code
;KETAAAKFERQHMDSSTSAASSSNYCNQMMKSRNLTKDRCKPVNTFVHESLADVQAVCSQKNVACKNGQTNCYQSYSTMS
ITDCRETGSSKYPNCAYKTTQANKHIIVACEGNPYVPVHFDASV
;
_entity_poly.pdbx_strand_id   A,B
#
# COMPACT_ATOMS: atom_id res chain seq x y z
N LYS A 1 -1.77 22.49 15.40
N LYS A 1 -2.44 21.93 15.88
CA LYS A 1 -0.88 21.88 16.43
CA LYS A 1 -1.01 21.87 16.34
C LYS A 1 -0.40 20.50 15.93
C LYS A 1 -0.41 20.51 15.95
N GLU A 2 -1.07 19.41 16.33
CA GLU A 2 -0.70 18.01 15.93
C GLU A 2 -1.18 17.77 14.49
N THR A 3 -0.29 17.42 13.57
CA THR A 3 -0.70 17.08 12.17
C THR A 3 -1.55 15.80 12.19
N ALA A 4 -2.37 15.65 11.15
CA ALA A 4 -3.21 14.46 10.92
C ALA A 4 -2.27 13.26 10.80
N ALA A 5 -1.16 13.41 10.10
CA ALA A 5 -0.21 12.30 9.91
C ALA A 5 0.38 11.96 11.27
N ALA A 6 0.72 12.98 12.10
CA ALA A 6 1.34 12.72 13.41
C ALA A 6 0.33 12.01 14.30
N LYS A 7 -0.91 12.43 14.29
CA LYS A 7 -2.00 11.81 15.09
C LYS A 7 -2.13 10.35 14.68
N PHE A 8 -2.14 10.05 13.37
CA PHE A 8 -2.15 8.63 12.93
C PHE A 8 -0.99 7.87 13.58
N GLU A 9 0.25 8.39 13.51
CA GLU A 9 1.43 7.68 14.05
C GLU A 9 1.31 7.49 15.56
N ARG A 10 0.80 8.51 16.25
CA ARG A 10 0.64 8.38 17.72
C ARG A 10 -0.44 7.34 18.05
N GLN A 11 -1.56 7.33 17.33
CA GLN A 11 -2.71 6.46 17.69
C GLN A 11 -2.52 5.04 17.18
N HIS A 12 -1.78 4.85 16.08
CA HIS A 12 -1.86 3.54 15.37
C HIS A 12 -0.52 2.89 15.06
N MET A 13 0.60 3.56 15.20
CA MET A 13 1.88 2.95 14.80
C MET A 13 2.59 2.40 16.05
N ASP A 14 2.98 1.14 16.00
CA ASP A 14 3.94 0.62 17.03
C ASP A 14 4.90 -0.34 16.37
N SER A 15 5.86 0.17 15.64
CA SER A 15 6.85 -0.65 14.89
C SER A 15 7.84 -1.30 15.86
N SER A 16 8.02 -0.71 17.05
CA SER A 16 9.03 -1.10 18.08
C SER A 16 8.87 -2.55 18.55
N THR A 17 7.70 -3.17 18.37
CA THR A 17 7.45 -4.62 18.62
C THR A 17 7.01 -5.30 17.32
N SER A 18 7.13 -6.62 17.25
CA SER A 18 6.69 -7.50 16.13
C SER A 18 5.25 -7.97 16.35
N ALA A 19 4.75 -7.90 17.59
CA ALA A 19 3.38 -8.28 17.99
C ALA A 19 2.99 -7.51 19.25
N ALA A 20 1.79 -7.80 19.80
CA ALA A 20 1.37 -7.39 21.15
C ALA A 20 2.35 -8.01 22.15
N SER A 21 3.07 -7.16 22.88
CA SER A 21 4.08 -7.56 23.89
C SER A 21 3.49 -8.60 24.85
N SER A 22 2.24 -8.41 25.28
CA SER A 22 1.66 -9.13 26.45
C SER A 22 0.16 -8.82 26.62
N SER A 23 -0.47 -9.47 27.59
N SER A 23 -0.45 -9.49 27.60
CA SER A 23 -1.92 -9.29 27.92
CA SER A 23 -1.87 -9.33 28.00
C SER A 23 -2.15 -7.86 28.43
C SER A 23 -2.14 -7.87 28.42
N ASN A 24 -1.10 -7.15 28.85
CA ASN A 24 -1.19 -5.79 29.43
C ASN A 24 -0.83 -4.72 28.39
N TYR A 25 -0.52 -5.11 27.16
CA TYR A 25 -0.03 -4.23 26.07
C TYR A 25 -1.01 -3.06 25.86
N CYS A 26 -2.27 -3.37 25.70
CA CYS A 26 -3.31 -2.35 25.41
C CYS A 26 -3.45 -1.42 26.63
N ASN A 27 -3.38 -1.96 27.85
CA ASN A 27 -3.50 -1.05 29.03
C ASN A 27 -2.39 0.00 29.01
N GLN A 28 -1.14 -0.39 28.75
CA GLN A 28 0.02 0.52 28.80
C GLN A 28 -0.02 1.49 27.61
N MET A 29 -0.29 0.97 26.41
CA MET A 29 -0.17 1.73 25.14
C MET A 29 -1.30 2.75 24.99
N MET A 30 -2.55 2.38 25.33
CA MET A 30 -3.69 3.30 25.26
C MET A 30 -3.40 4.51 26.16
N LYS A 31 -2.79 4.25 27.32
CA LYS A 31 -2.40 5.32 28.28
C LYS A 31 -1.27 6.19 27.72
N SER A 32 -0.13 5.57 27.35
CA SER A 32 1.14 6.23 26.95
C SER A 32 0.96 7.00 25.64
N ARG A 33 0.06 6.57 24.76
CA ARG A 33 -0.24 7.29 23.49
C ARG A 33 -1.39 8.29 23.70
N ASN A 34 -1.79 8.50 24.96
CA ASN A 34 -2.74 9.56 25.35
C ASN A 34 -4.11 9.32 24.73
N LEU A 35 -4.56 8.07 24.63
CA LEU A 35 -5.90 7.71 24.11
C LEU A 35 -6.89 7.45 25.26
N THR A 36 -6.46 7.62 26.52
CA THR A 36 -7.36 7.48 27.70
C THR A 36 -7.44 8.82 28.44
N LYS A 37 -7.16 9.93 27.75
CA LYS A 37 -6.95 11.26 28.41
C LYS A 37 -8.30 11.84 28.82
N ASP A 38 -9.18 12.05 27.85
CA ASP A 38 -10.50 12.72 27.96
C ASP A 38 -11.63 11.68 28.12
N ARG A 39 -11.36 10.41 27.76
CA ARG A 39 -12.27 9.26 27.96
C ARG A 39 -11.52 8.00 27.56
N CYS A 40 -12.00 6.83 27.95
CA CYS A 40 -11.49 5.53 27.42
C CYS A 40 -11.90 5.41 25.94
N LYS A 41 -10.96 5.57 25.00
CA LYS A 41 -11.25 5.28 23.58
C LYS A 41 -11.73 3.83 23.57
N PRO A 42 -12.94 3.51 23.10
CA PRO A 42 -13.47 2.16 23.25
C PRO A 42 -12.68 1.07 22.51
N VAL A 43 -12.11 1.41 21.34
CA VAL A 43 -11.40 0.44 20.46
C VAL A 43 -10.24 1.17 19.78
N ASN A 44 -9.18 0.43 19.50
CA ASN A 44 -8.04 1.02 18.79
C ASN A 44 -7.18 -0.10 18.23
N THR A 45 -6.52 0.11 17.11
CA THR A 45 -5.58 -0.88 16.53
C THR A 45 -4.20 -0.24 16.40
N PHE A 46 -3.17 -0.99 16.80
CA PHE A 46 -1.75 -0.67 16.60
C PHE A 46 -1.17 -1.57 15.52
N VAL A 47 -0.35 -0.98 14.65
CA VAL A 47 0.29 -1.71 13.54
C VAL A 47 1.80 -1.84 13.83
N HIS A 48 2.38 -3.03 13.68
N HIS A 48 2.27 -3.09 13.74
CA HIS A 48 3.77 -3.34 14.12
CA HIS A 48 3.68 -3.54 13.97
C HIS A 48 4.77 -3.24 12.96
C HIS A 48 4.32 -3.86 12.63
N GLU A 49 4.31 -2.86 11.78
CA GLU A 49 5.12 -2.83 10.57
C GLU A 49 5.84 -1.49 10.57
N SER A 50 6.82 -1.34 9.70
CA SER A 50 7.55 -0.10 9.53
C SER A 50 6.63 1.02 9.07
N LEU A 51 6.95 2.25 9.39
CA LEU A 51 6.21 3.42 8.90
C LEU A 51 6.22 3.38 7.38
N ALA A 52 7.31 3.03 6.74
CA ALA A 52 7.42 3.07 5.27
C ALA A 52 6.43 2.05 4.70
N ASP A 53 6.31 0.86 5.27
CA ASP A 53 5.36 -0.16 4.78
C ASP A 53 3.93 0.32 4.98
N VAL A 54 3.60 1.06 6.03
CA VAL A 54 2.21 1.50 6.30
C VAL A 54 1.95 2.68 5.36
N GLN A 55 2.91 3.56 5.16
CA GLN A 55 2.74 4.72 4.25
C GLN A 55 2.55 4.19 2.83
N ALA A 56 3.15 3.06 2.47
CA ALA A 56 3.08 2.52 1.09
C ALA A 56 1.65 2.03 0.80
N VAL A 57 0.81 1.84 1.80
CA VAL A 57 -0.57 1.32 1.59
C VAL A 57 -1.37 2.39 0.87
N CYS A 58 -1.02 3.64 0.97
CA CYS A 58 -1.73 4.74 0.25
C CYS A 58 -1.64 4.54 -1.25
N SER A 59 -0.74 3.69 -1.76
CA SER A 59 -0.56 3.41 -3.20
C SER A 59 -1.14 2.03 -3.53
N GLN A 60 -1.83 1.35 -2.59
CA GLN A 60 -2.25 -0.04 -2.77
C GLN A 60 -3.74 -0.07 -3.11
N LYS A 61 -4.54 -1.02 -2.60
CA LYS A 61 -5.86 -1.29 -3.20
C LYS A 61 -6.87 -0.24 -2.71
N ASN A 62 -7.39 0.56 -3.59
CA ASN A 62 -8.37 1.62 -3.26
C ASN A 62 -9.71 0.93 -2.96
N VAL A 63 -10.27 1.22 -1.81
CA VAL A 63 -11.56 0.65 -1.35
C VAL A 63 -12.39 1.75 -0.70
N ALA A 64 -13.70 1.59 -0.65
CA ALA A 64 -14.53 2.58 0.01
C ALA A 64 -14.20 2.60 1.50
N CYS A 65 -14.25 3.77 2.07
CA CYS A 65 -14.13 3.91 3.54
C CYS A 65 -15.50 3.63 4.19
N LYS A 66 -15.50 3.28 5.45
CA LYS A 66 -16.75 3.06 6.20
C LYS A 66 -17.62 4.32 6.20
N ASN A 67 -17.04 5.50 6.18
CA ASN A 67 -17.86 6.74 6.17
C ASN A 67 -18.31 7.08 4.74
N GLY A 68 -18.07 6.27 3.72
CA GLY A 68 -18.51 6.48 2.35
C GLY A 68 -17.61 7.39 1.52
N GLN A 69 -16.55 7.92 2.13
CA GLN A 69 -15.49 8.60 1.35
C GLN A 69 -14.69 7.57 0.56
N THR A 70 -13.94 8.02 -0.45
CA THR A 70 -13.31 7.12 -1.42
C THR A 70 -11.80 6.96 -1.22
N ASN A 71 -11.26 7.52 -0.16
CA ASN A 71 -9.79 7.65 -0.02
C ASN A 71 -9.24 6.61 0.94
N CYS A 72 -9.80 5.41 0.94
CA CYS A 72 -9.27 4.31 1.76
C CYS A 72 -8.56 3.27 0.90
N TYR A 73 -7.60 2.63 1.52
CA TYR A 73 -6.68 1.72 0.81
C TYR A 73 -6.38 0.51 1.66
N GLN A 74 -6.47 -0.63 1.05
CA GLN A 74 -6.25 -1.94 1.68
C GLN A 74 -4.87 -2.47 1.31
N SER A 75 -4.12 -2.92 2.30
CA SER A 75 -2.80 -3.53 2.06
C SER A 75 -2.90 -4.83 1.30
N TYR A 76 -1.99 -5.05 0.37
CA TYR A 76 -1.96 -6.33 -0.39
C TYR A 76 -1.45 -7.44 0.51
N SER A 77 -0.51 -7.10 1.38
N SER A 77 -0.45 -7.14 1.34
CA SER A 77 0.03 -8.04 2.38
CA SER A 77 0.14 -8.10 2.30
C SER A 77 -0.80 -8.01 3.66
C SER A 77 -0.58 -7.97 3.65
N THR A 78 -0.70 -9.10 4.39
CA THR A 78 -1.08 -9.07 5.80
C THR A 78 0.02 -8.35 6.60
N MET A 79 -0.45 -7.74 7.66
CA MET A 79 0.40 -6.98 8.58
C MET A 79 0.16 -7.44 10.02
N SER A 80 1.23 -7.31 10.82
CA SER A 80 1.19 -7.59 12.28
C SER A 80 0.46 -6.45 12.97
N ILE A 81 -0.65 -6.76 13.63
CA ILE A 81 -1.46 -5.71 14.32
C ILE A 81 -1.83 -6.19 15.72
N THR A 82 -2.20 -5.23 16.57
CA THR A 82 -2.79 -5.51 17.90
C THR A 82 -4.10 -4.75 18.00
N ASP A 83 -5.19 -5.46 18.26
CA ASP A 83 -6.52 -4.85 18.53
C ASP A 83 -6.64 -4.66 20.03
N CYS A 84 -7.08 -3.47 20.46
CA CYS A 84 -7.41 -3.12 21.85
C CYS A 84 -8.91 -2.85 21.97
N ARG A 85 -9.57 -3.53 22.90
CA ARG A 85 -11.04 -3.42 23.08
C ARG A 85 -11.30 -3.20 24.56
N GLU A 86 -11.92 -2.09 24.92
CA GLU A 86 -12.26 -1.75 26.33
C GLU A 86 -13.09 -2.91 26.90
N THR A 87 -12.79 -3.32 28.14
CA THR A 87 -13.54 -4.38 28.90
C THR A 87 -14.84 -3.79 29.47
N GLY A 88 -15.72 -4.64 30.03
CA GLY A 88 -16.92 -4.21 30.78
C GLY A 88 -16.55 -3.62 32.14
N SER A 89 -15.48 -4.15 32.73
CA SER A 89 -14.89 -3.75 34.05
C SER A 89 -14.21 -2.38 33.96
N SER A 90 -13.87 -1.92 32.76
CA SER A 90 -13.18 -0.62 32.53
C SER A 90 -14.09 0.54 32.97
N LYS A 91 -13.63 1.39 33.90
CA LYS A 91 -14.27 2.69 34.22
C LYS A 91 -13.21 3.79 34.19
N TYR A 92 -13.43 4.82 33.38
CA TYR A 92 -12.60 6.06 33.34
C TYR A 92 -12.51 6.61 34.76
N PRO A 93 -11.32 6.92 35.31
CA PRO A 93 -10.06 7.04 34.55
C PRO A 93 -9.13 5.82 34.49
N ASN A 94 -9.53 4.65 35.04
CA ASN A 94 -8.73 3.40 34.94
C ASN A 94 -9.27 2.58 33.76
N CYS A 95 -8.88 2.99 32.56
CA CYS A 95 -9.36 2.35 31.31
C CYS A 95 -8.70 0.98 31.23
N ALA A 96 -9.47 -0.04 30.88
CA ALA A 96 -9.06 -1.45 30.87
C ALA A 96 -9.39 -2.04 29.50
N TYR A 97 -8.45 -2.81 28.95
CA TYR A 97 -8.47 -3.29 27.55
C TYR A 97 -8.05 -4.76 27.44
N LYS A 98 -8.78 -5.52 26.62
CA LYS A 98 -8.36 -6.85 26.12
C LYS A 98 -7.43 -6.60 24.94
N THR A 99 -6.25 -7.20 24.97
CA THR A 99 -5.25 -7.21 23.88
C THR A 99 -5.48 -8.42 22.99
N THR A 100 -5.59 -8.25 21.67
CA THR A 100 -5.63 -9.35 20.67
C THR A 100 -4.64 -9.07 19.55
N GLN A 101 -3.64 -9.92 19.37
CA GLN A 101 -2.74 -9.81 18.20
C GLN A 101 -3.36 -10.58 17.04
N ALA A 102 -3.14 -10.10 15.82
CA ALA A 102 -3.64 -10.70 14.57
C ALA A 102 -2.67 -10.40 13.43
N ASN A 103 -2.77 -11.15 12.34
CA ASN A 103 -2.05 -10.87 11.08
C ASN A 103 -3.16 -10.69 10.08
N LYS A 104 -3.38 -9.45 9.64
CA LYS A 104 -4.55 -9.14 8.80
C LYS A 104 -4.16 -8.06 7.80
N HIS A 105 -4.93 -8.00 6.73
N HIS A 105 -4.89 -7.96 6.69
CA HIS A 105 -4.94 -6.87 5.79
CA HIS A 105 -4.75 -6.78 5.80
C HIS A 105 -5.36 -5.61 6.59
C HIS A 105 -5.40 -5.59 6.46
N ILE A 106 -4.74 -4.44 6.36
CA ILE A 106 -5.23 -3.18 6.98
C ILE A 106 -5.91 -2.33 5.93
N ILE A 107 -6.81 -1.50 6.40
CA ILE A 107 -7.43 -0.46 5.56
C ILE A 107 -7.17 0.88 6.22
N VAL A 108 -6.51 1.82 5.54
CA VAL A 108 -6.29 3.17 6.08
C VAL A 108 -6.82 4.22 5.14
N ALA A 109 -7.26 5.35 5.67
CA ALA A 109 -7.60 6.54 4.87
C ALA A 109 -6.35 7.38 4.68
N CYS A 110 -6.11 7.89 3.50
CA CYS A 110 -4.94 8.75 3.22
C CYS A 110 -5.38 10.10 2.70
N GLU A 111 -4.56 11.10 2.99
N GLU A 111 -4.64 11.15 3.09
CA GLU A 111 -4.85 12.50 2.66
CA GLU A 111 -4.94 12.56 2.72
C GLU A 111 -3.52 13.23 2.48
C GLU A 111 -3.63 13.32 2.64
N GLY A 112 -3.64 14.40 1.87
CA GLY A 112 -2.57 15.40 1.90
C GLY A 112 -1.61 15.27 0.75
N ASN A 113 -0.69 16.24 0.71
CA ASN A 113 0.49 16.21 -0.19
C ASN A 113 1.69 16.50 0.71
N PRO A 114 2.48 15.51 1.08
CA PRO A 114 2.37 14.15 0.57
C PRO A 114 1.17 13.32 1.05
N TYR A 115 0.82 12.33 0.26
CA TYR A 115 -0.38 11.47 0.51
C TYR A 115 -0.02 10.40 1.54
N VAL A 116 -0.58 10.54 2.73
CA VAL A 116 -0.10 9.71 3.88
C VAL A 116 -1.30 9.20 4.64
N PRO A 117 -1.12 8.17 5.49
CA PRO A 117 -2.25 7.71 6.26
C PRO A 117 -2.66 8.72 7.33
N VAL A 118 -3.93 8.91 7.55
CA VAL A 118 -4.47 9.85 8.56
C VAL A 118 -5.52 9.15 9.40
N HIS A 119 -5.97 7.96 9.06
CA HIS A 119 -7.09 7.31 9.77
C HIS A 119 -6.99 5.79 9.56
N PHE A 120 -7.27 5.02 10.60
CA PHE A 120 -7.25 3.56 10.51
C PHE A 120 -8.68 3.10 10.44
N ASP A 121 -9.08 2.59 9.27
CA ASP A 121 -10.50 2.27 9.00
C ASP A 121 -10.90 0.88 9.47
N ALA A 122 -10.11 -0.14 9.21
CA ALA A 122 -10.52 -1.51 9.46
C ALA A 122 -9.33 -2.43 9.27
N SER A 123 -9.47 -3.64 9.78
CA SER A 123 -8.59 -4.74 9.36
C SER A 123 -9.49 -5.83 8.79
N VAL A 124 -8.96 -6.69 7.93
CA VAL A 124 -9.80 -7.73 7.28
C VAL A 124 -8.96 -8.97 7.05
N LYS B 1 -12.49 -12.68 -6.41
CA LYS B 1 -11.52 -12.91 -7.52
C LYS B 1 -10.98 -11.56 -8.01
N GLU B 2 -9.66 -11.37 -7.97
CA GLU B 2 -9.02 -10.10 -8.43
C GLU B 2 -9.44 -9.79 -9.87
N THR B 3 -9.97 -8.58 -10.09
CA THR B 3 -10.31 -8.13 -11.47
C THR B 3 -9.02 -7.84 -12.23
N ALA B 4 -9.07 -7.86 -13.55
CA ALA B 4 -7.86 -7.63 -14.37
C ALA B 4 -7.34 -6.23 -14.08
N ALA B 5 -8.26 -5.32 -13.90
CA ALA B 5 -7.89 -3.91 -13.62
C ALA B 5 -7.13 -3.88 -12.30
N ALA B 6 -7.63 -4.56 -11.31
CA ALA B 6 -7.02 -4.54 -9.98
C ALA B 6 -5.66 -5.23 -10.00
N LYS B 7 -5.52 -6.29 -10.76
CA LYS B 7 -4.22 -6.93 -10.86
C LYS B 7 -3.21 -5.96 -11.46
N PHE B 8 -3.61 -5.20 -12.49
CA PHE B 8 -2.71 -4.19 -13.10
C PHE B 8 -2.30 -3.20 -12.01
N GLU B 9 -3.22 -2.70 -11.22
CA GLU B 9 -2.84 -1.69 -10.20
C GLU B 9 -1.90 -2.30 -9.17
N ARG B 10 -2.14 -3.57 -8.80
CA ARG B 10 -1.29 -4.19 -7.79
C ARG B 10 0.10 -4.40 -8.38
N GLN B 11 0.20 -4.83 -9.63
CA GLN B 11 1.51 -5.22 -10.14
C GLN B 11 2.26 -4.00 -10.64
N HIS B 12 1.61 -2.94 -11.10
CA HIS B 12 2.32 -1.90 -11.90
C HIS B 12 2.10 -0.47 -11.37
N MET B 13 1.18 -0.20 -10.44
CA MET B 13 0.95 1.20 -10.07
C MET B 13 1.62 1.50 -8.72
N ASP B 14 2.42 2.58 -8.72
CA ASP B 14 2.95 3.09 -7.43
C ASP B 14 3.00 4.59 -7.59
N SER B 15 1.84 5.20 -7.45
CA SER B 15 1.69 6.65 -7.73
C SER B 15 2.51 7.44 -6.69
N SER B 16 2.44 7.02 -5.42
CA SER B 16 3.06 7.73 -4.26
C SER B 16 4.27 8.57 -4.70
N THR B 17 5.47 7.96 -4.70
N THR B 17 5.49 8.00 -4.69
CA THR B 17 6.74 8.64 -5.07
CA THR B 17 6.73 8.74 -5.03
C THR B 17 6.78 8.84 -6.59
C THR B 17 6.84 8.83 -6.56
N SER B 18 7.34 9.97 -7.06
CA SER B 18 7.50 10.30 -8.50
C SER B 18 8.77 9.64 -9.06
N ALA B 19 9.56 8.98 -8.21
CA ALA B 19 10.75 8.17 -8.58
C ALA B 19 10.96 7.08 -7.52
N ALA B 20 11.75 6.05 -7.85
CA ALA B 20 12.16 4.95 -6.94
C ALA B 20 13.37 5.38 -6.11
N SER B 21 13.14 5.73 -4.83
CA SER B 21 14.13 6.31 -3.89
C SER B 21 15.43 5.49 -3.88
N SER B 22 15.45 4.38 -3.13
CA SER B 22 16.67 3.61 -2.80
C SER B 22 16.88 2.51 -3.86
N SER B 23 18.10 1.96 -3.90
CA SER B 23 18.48 0.76 -4.69
C SER B 23 17.71 -0.47 -4.18
N ASN B 24 17.08 -0.37 -3.00
CA ASN B 24 16.28 -1.47 -2.38
C ASN B 24 14.79 -1.36 -2.72
N TYR B 25 14.42 -0.34 -3.47
CA TYR B 25 12.99 -0.09 -3.83
C TYR B 25 12.36 -1.39 -4.38
N CYS B 26 12.98 -1.97 -5.41
CA CYS B 26 12.40 -3.17 -6.06
C CYS B 26 12.26 -4.31 -5.07
N ASN B 27 13.24 -4.53 -4.16
CA ASN B 27 13.16 -5.68 -3.23
C ASN B 27 11.92 -5.52 -2.31
N GLN B 28 11.70 -4.31 -1.81
CA GLN B 28 10.56 -3.93 -0.93
C GLN B 28 9.25 -3.97 -1.73
N MET B 29 9.22 -3.40 -2.94
CA MET B 29 7.96 -3.32 -3.71
C MET B 29 7.56 -4.69 -4.20
N MET B 30 8.49 -5.46 -4.74
CA MET B 30 8.14 -6.80 -5.26
C MET B 30 7.51 -7.62 -4.13
N LYS B 31 8.01 -7.53 -2.89
CA LYS B 31 7.43 -8.27 -1.74
C LYS B 31 6.03 -7.71 -1.38
N SER B 32 5.90 -6.40 -1.27
CA SER B 32 4.67 -5.69 -0.80
C SER B 32 3.50 -5.89 -1.77
N ARG B 33 3.77 -6.21 -3.04
CA ARG B 33 2.74 -6.44 -4.08
C ARG B 33 2.54 -7.94 -4.36
N ASN B 34 3.11 -8.81 -3.53
CA ASN B 34 2.89 -10.28 -3.54
C ASN B 34 3.41 -10.85 -4.84
N LEU B 35 4.55 -10.32 -5.31
CA LEU B 35 5.19 -10.81 -6.55
C LEU B 35 6.41 -11.68 -6.22
N THR B 36 6.64 -11.99 -4.94
CA THR B 36 7.71 -12.94 -4.53
C THR B 36 7.11 -14.10 -3.75
N LYS B 37 5.84 -14.46 -4.01
CA LYS B 37 5.03 -15.39 -3.16
C LYS B 37 5.60 -16.81 -3.19
N ASP B 38 5.41 -17.55 -4.28
CA ASP B 38 5.87 -18.96 -4.42
C ASP B 38 7.15 -18.99 -5.25
N ARG B 39 7.43 -17.90 -5.96
CA ARG B 39 8.58 -17.76 -6.89
C ARG B 39 8.84 -16.28 -7.10
N CYS B 40 10.04 -15.92 -7.53
CA CYS B 40 10.45 -14.51 -7.78
C CYS B 40 9.92 -14.14 -9.16
N LYS B 41 8.99 -13.19 -9.26
CA LYS B 41 8.62 -12.67 -10.61
C LYS B 41 9.87 -12.04 -11.20
N PRO B 42 10.38 -12.52 -12.35
CA PRO B 42 11.69 -12.05 -12.82
C PRO B 42 11.77 -10.58 -13.18
N VAL B 43 10.79 -10.08 -13.92
CA VAL B 43 10.83 -8.70 -14.47
C VAL B 43 9.50 -8.00 -14.17
N ASN B 44 9.52 -6.75 -13.73
CA ASN B 44 8.26 -6.03 -13.45
C ASN B 44 8.54 -4.55 -13.51
N THR B 45 7.61 -3.79 -14.01
CA THR B 45 7.72 -2.34 -14.10
C THR B 45 6.68 -1.69 -13.22
N PHE B 46 7.09 -0.69 -12.46
CA PHE B 46 6.17 0.18 -11.70
C PHE B 46 6.09 1.54 -12.36
N VAL B 47 4.87 2.09 -12.38
CA VAL B 47 4.61 3.42 -12.94
C VAL B 47 4.29 4.42 -11.80
N HIS B 48 5.00 5.56 -11.82
N HIS B 48 4.89 5.62 -11.89
CA HIS B 48 4.86 6.64 -10.81
CA HIS B 48 4.90 6.61 -10.78
C HIS B 48 4.34 7.90 -11.49
C HIS B 48 3.88 7.71 -10.95
N GLU B 49 3.18 7.74 -12.07
CA GLU B 49 2.29 8.84 -12.44
C GLU B 49 0.96 8.52 -11.73
N SER B 50 0.08 9.49 -11.69
CA SER B 50 -1.23 9.31 -11.07
C SER B 50 -2.01 8.22 -11.81
N LEU B 51 -2.91 7.57 -11.12
CA LEU B 51 -3.82 6.60 -11.75
C LEU B 51 -4.57 7.26 -12.90
N ALA B 52 -5.07 8.48 -12.71
CA ALA B 52 -5.84 9.13 -13.77
C ALA B 52 -4.95 9.29 -15.00
N ASP B 53 -3.69 9.67 -14.84
CA ASP B 53 -2.83 9.86 -16.03
C ASP B 53 -2.56 8.51 -16.73
N VAL B 54 -2.45 7.45 -15.97
CA VAL B 54 -2.16 6.11 -16.58
C VAL B 54 -3.45 5.64 -17.28
N GLN B 55 -4.61 5.80 -16.63
CA GLN B 55 -5.88 5.38 -17.23
C GLN B 55 -6.08 6.14 -18.52
N ALA B 56 -5.70 7.43 -18.58
CA ALA B 56 -5.87 8.23 -19.81
C ALA B 56 -5.05 7.69 -20.96
N VAL B 57 -4.05 6.83 -20.72
CA VAL B 57 -3.31 6.24 -21.88
C VAL B 57 -4.23 5.45 -22.78
N CYS B 58 -5.36 4.94 -22.24
CA CYS B 58 -6.34 4.19 -23.03
C CYS B 58 -7.07 5.05 -24.05
N SER B 59 -6.86 6.38 -24.02
N SER B 59 -6.86 6.37 -24.12
CA SER B 59 -7.39 7.38 -24.99
CA SER B 59 -7.45 7.19 -25.22
C SER B 59 -6.24 8.01 -25.78
C SER B 59 -6.34 7.83 -26.06
N GLN B 60 -5.10 7.34 -25.94
CA GLN B 60 -3.93 7.93 -26.63
C GLN B 60 -3.59 7.05 -27.84
N LYS B 61 -2.33 6.69 -28.07
CA LYS B 61 -1.91 6.18 -29.38
C LYS B 61 -2.21 4.68 -29.45
N ASN B 62 -3.18 4.27 -30.23
CA ASN B 62 -3.48 2.85 -30.43
C ASN B 62 -2.33 2.21 -31.20
N VAL B 63 -1.86 1.09 -30.66
CA VAL B 63 -0.83 0.23 -31.29
C VAL B 63 -1.21 -1.22 -31.12
N ALA B 64 -0.62 -2.10 -31.96
CA ALA B 64 -0.72 -3.55 -31.68
C ALA B 64 0.00 -3.92 -30.38
N CYS B 65 -0.57 -4.90 -29.70
CA CYS B 65 0.04 -5.57 -28.56
C CYS B 65 1.04 -6.63 -29.04
N LYS B 66 1.94 -7.04 -28.17
CA LYS B 66 2.93 -8.11 -28.47
C LYS B 66 2.20 -9.38 -28.93
N ASN B 67 1.07 -9.69 -28.29
CA ASN B 67 0.30 -10.93 -28.60
C ASN B 67 -0.53 -10.78 -29.89
N GLY B 68 -0.55 -9.63 -30.56
CA GLY B 68 -1.28 -9.39 -31.82
C GLY B 68 -2.68 -8.86 -31.61
N GLN B 69 -3.12 -8.69 -30.37
CA GLN B 69 -4.41 -7.97 -30.17
C GLN B 69 -4.22 -6.50 -30.51
N THR B 70 -5.30 -5.76 -30.67
CA THR B 70 -5.28 -4.36 -31.15
C THR B 70 -5.82 -3.38 -30.10
N ASN B 71 -5.85 -3.77 -28.83
CA ASN B 71 -6.36 -2.92 -27.73
C ASN B 71 -5.18 -2.37 -26.91
N CYS B 72 -4.01 -2.21 -27.49
CA CYS B 72 -2.85 -1.60 -26.80
C CYS B 72 -2.77 -0.11 -27.11
N TYR B 73 -2.19 0.61 -26.20
CA TYR B 73 -2.13 2.09 -26.28
C TYR B 73 -0.78 2.49 -25.75
N GLN B 74 -0.08 3.35 -26.50
N GLN B 74 -0.11 3.39 -26.47
CA GLN B 74 1.18 3.99 -26.08
CA GLN B 74 1.18 3.96 -26.09
C GLN B 74 0.90 5.36 -25.50
C GLN B 74 0.98 5.37 -25.55
N SER B 75 1.52 5.67 -24.38
CA SER B 75 1.41 7.04 -23.80
C SER B 75 2.03 8.01 -24.80
N TYR B 76 1.39 9.17 -24.97
CA TYR B 76 1.99 10.22 -25.81
C TYR B 76 3.21 10.81 -25.11
N SER B 77 3.15 10.98 -23.80
CA SER B 77 4.21 11.57 -22.93
C SER B 77 5.10 10.45 -22.41
N THR B 78 6.32 10.76 -22.06
CA THR B 78 7.06 9.86 -21.17
C THR B 78 6.47 9.90 -19.77
N MET B 79 6.69 8.84 -19.03
CA MET B 79 6.25 8.66 -17.65
C MET B 79 7.42 8.22 -16.80
N SER B 80 7.40 8.64 -15.56
CA SER B 80 8.30 8.17 -14.52
C SER B 80 7.97 6.70 -14.21
N ILE B 81 8.92 5.84 -14.42
CA ILE B 81 8.77 4.39 -14.19
C ILE B 81 10.00 3.84 -13.45
N THR B 82 9.85 2.64 -12.90
CA THR B 82 10.95 1.88 -12.29
C THR B 82 10.94 0.50 -12.89
N ASP B 83 12.03 0.09 -13.49
CA ASP B 83 12.16 -1.31 -13.97
C ASP B 83 12.79 -2.11 -12.85
N CYS B 84 12.23 -3.26 -12.54
CA CYS B 84 12.72 -4.22 -11.53
C CYS B 84 13.12 -5.47 -12.31
N ARG B 85 14.36 -5.93 -12.21
CA ARG B 85 14.74 -7.18 -12.87
C ARG B 85 15.54 -7.98 -11.85
N GLU B 86 15.22 -9.25 -11.75
CA GLU B 86 15.91 -10.15 -10.82
C GLU B 86 17.40 -10.18 -11.20
N THR B 87 18.23 -10.27 -10.18
CA THR B 87 19.71 -10.38 -10.37
C THR B 87 20.02 -11.81 -10.86
N GLY B 88 21.20 -11.99 -11.46
CA GLY B 88 21.76 -13.33 -11.73
C GLY B 88 21.75 -14.22 -10.49
N SER B 89 22.11 -13.68 -9.32
CA SER B 89 22.39 -14.45 -8.07
C SER B 89 21.09 -14.74 -7.31
N SER B 90 19.99 -14.05 -7.65
CA SER B 90 18.69 -14.14 -6.94
C SER B 90 18.21 -15.60 -6.87
N LYS B 91 17.97 -16.08 -5.65
CA LYS B 91 17.47 -17.46 -5.35
C LYS B 91 16.28 -17.35 -4.39
N TYR B 92 15.06 -17.66 -4.85
CA TYR B 92 13.84 -17.76 -4.01
C TYR B 92 14.14 -18.65 -2.81
N PRO B 93 13.72 -18.31 -1.57
CA PRO B 93 12.78 -17.22 -1.30
C PRO B 93 13.38 -15.81 -1.17
N ASN B 94 14.70 -15.70 -1.26
N ASN B 94 14.71 -15.70 -1.11
CA ASN B 94 15.45 -14.42 -1.07
CA ASN B 94 15.43 -14.39 -1.08
C ASN B 94 15.57 -13.74 -2.44
C ASN B 94 15.52 -13.87 -2.52
N CYS B 95 14.43 -13.28 -2.98
CA CYS B 95 14.33 -12.63 -4.31
C CYS B 95 15.04 -11.28 -4.29
N ALA B 96 16.02 -11.11 -5.17
CA ALA B 96 16.86 -9.91 -5.25
C ALA B 96 16.67 -9.30 -6.63
N TYR B 97 16.57 -7.99 -6.63
CA TYR B 97 16.24 -7.22 -7.83
C TYR B 97 17.19 -6.04 -7.93
N LYS B 98 17.50 -5.69 -9.17
CA LYS B 98 18.13 -4.41 -9.53
C LYS B 98 17.00 -3.44 -9.89
N THR B 99 17.07 -2.25 -9.29
CA THR B 99 16.14 -1.13 -9.50
C THR B 99 16.75 -0.21 -10.54
N THR B 100 16.03 0.08 -11.63
CA THR B 100 16.45 1.11 -12.62
C THR B 100 15.33 2.13 -12.78
N GLN B 101 15.55 3.37 -12.38
CA GLN B 101 14.62 4.51 -12.66
C GLN B 101 14.72 4.86 -14.15
N ALA B 102 13.59 5.19 -14.79
CA ALA B 102 13.60 5.68 -16.18
C ALA B 102 12.43 6.63 -16.40
N ASN B 103 12.44 7.23 -17.58
N ASN B 103 12.50 7.46 -17.45
CA ASN B 103 11.39 8.17 -18.05
CA ASN B 103 11.35 8.21 -18.01
C ASN B 103 11.07 7.75 -19.47
C ASN B 103 11.14 7.63 -19.40
N LYS B 104 10.04 6.91 -19.63
CA LYS B 104 9.78 6.31 -20.95
C LYS B 104 8.29 6.29 -21.20
N HIS B 105 7.94 6.17 -22.46
CA HIS B 105 6.53 5.92 -22.83
C HIS B 105 6.15 4.56 -22.33
N ILE B 106 4.93 4.37 -21.95
CA ILE B 106 4.39 3.01 -21.58
C ILE B 106 3.41 2.57 -22.64
N ILE B 107 3.34 1.27 -22.83
CA ILE B 107 2.35 0.62 -23.70
C ILE B 107 1.54 -0.34 -22.85
N VAL B 108 0.24 -0.15 -22.83
CA VAL B 108 -0.67 -0.97 -21.99
C VAL B 108 -1.82 -1.45 -22.84
N ALA B 109 -2.37 -2.61 -22.49
CA ALA B 109 -3.63 -3.13 -23.07
C ALA B 109 -4.78 -2.63 -22.23
N CYS B 110 -5.83 -2.16 -22.83
CA CYS B 110 -7.01 -1.61 -22.13
C CYS B 110 -8.22 -2.50 -22.38
N GLU B 111 -9.06 -2.67 -21.35
CA GLU B 111 -10.25 -3.53 -21.54
C GLU B 111 -11.20 -3.14 -20.45
N GLY B 112 -12.47 -3.39 -20.75
CA GLY B 112 -13.60 -3.39 -19.80
C GLY B 112 -14.20 -2.03 -19.61
N ASN B 113 -15.12 -1.93 -18.64
CA ASN B 113 -15.87 -0.70 -18.35
C ASN B 113 -15.81 -0.47 -16.85
N PRO B 114 -15.14 0.58 -16.40
CA PRO B 114 -14.43 1.55 -17.24
C PRO B 114 -13.19 0.99 -18.00
N TYR B 115 -12.92 1.60 -19.14
CA TYR B 115 -11.88 1.11 -20.08
C TYR B 115 -10.52 1.57 -19.58
N VAL B 116 -9.84 0.61 -18.94
CA VAL B 116 -8.61 0.91 -18.18
C VAL B 116 -7.55 -0.11 -18.48
N PRO B 117 -6.28 0.16 -18.05
CA PRO B 117 -5.22 -0.81 -18.31
C PRO B 117 -5.43 -2.11 -17.54
N VAL B 118 -5.11 -3.21 -18.24
CA VAL B 118 -5.19 -4.59 -17.69
C VAL B 118 -3.85 -5.28 -17.86
N HIS B 119 -2.92 -4.76 -18.66
CA HIS B 119 -1.67 -5.49 -18.92
C HIS B 119 -0.62 -4.46 -19.30
N PHE B 120 0.58 -4.61 -18.78
CA PHE B 120 1.72 -3.76 -19.13
C PHE B 120 2.51 -4.39 -20.25
N ASP B 121 2.39 -3.92 -21.48
CA ASP B 121 2.98 -4.60 -22.66
C ASP B 121 4.47 -4.29 -22.78
N ALA B 122 4.88 -3.06 -22.53
CA ALA B 122 6.28 -2.65 -22.76
C ALA B 122 6.44 -1.18 -22.39
N SER B 123 7.70 -0.79 -22.26
CA SER B 123 8.07 0.64 -22.18
C SER B 123 8.97 0.91 -23.38
N VAL B 124 8.86 2.10 -23.96
CA VAL B 124 9.65 2.44 -25.16
C VAL B 124 10.33 3.79 -24.88
#